data_4IJY
#
_entry.id   4IJY
#
_cell.length_a   143.489
_cell.length_b   143.489
_cell.length_c   59.290
_cell.angle_alpha   90.00
_cell.angle_beta   90.00
_cell.angle_gamma   120.00
#
_symmetry.space_group_name_H-M   'P 31 2 1'
#
loop_
_entity.id
_entity.type
_entity.pdbx_description
1 polymer CofJ
2 non-polymer 'IODIDE ION'
3 non-polymer GLYCEROL
4 water water
#
_entity_poly.entity_id   1
_entity_poly.type   'polypeptide(L)'
_entity_poly.pdbx_seq_one_letter_code
;SPSSSEGGAFTVNMPKTSTVDDIRGCPTLETPLKLTFTEDIQPRKENGSTYFYYDGWRGVGQTVNPWSPVLDNHKYAATE
HEIHIYVEFFQTPSNRFADKNGAYSYIDANGVMYTNGEYSWEHVPALGKNIYKVVISDWNKGQTKSIYLPGRDFKTVEVF
HFQNNRPQWDDRNSYENVKSRINNNISKSYSKAKLNEQLSTYVHDDGTDSLFLYQKLSRASLKESQINYYQLRGKFNGVN
LGYWAQEYILFGGEGAEQLKNKIPDMSNYSMEDNGSFKNALKIESLDLRLMDNNRMAYGSTGTYIASFNRTDFSMTPENL
KACGLD
;
_entity_poly.pdbx_strand_id   A
#
loop_
_chem_comp.id
_chem_comp.type
_chem_comp.name
_chem_comp.formula
GOL non-polymer GLYCEROL 'C3 H8 O3'
IOD non-polymer 'IODIDE ION' 'I -1'
#
# COMPACT_ATOMS: atom_id res chain seq x y z
N ASP A 22 -24.83 29.89 2.88
CA ASP A 22 -23.86 29.47 3.93
C ASP A 22 -24.39 28.29 4.78
N ILE A 23 -23.75 27.14 4.63
CA ILE A 23 -24.09 25.96 5.42
C ILE A 23 -22.87 25.55 6.26
N ARG A 24 -23.04 25.58 7.58
CA ARG A 24 -21.93 25.24 8.49
C ARG A 24 -21.90 23.76 8.82
N GLY A 25 -20.73 23.27 9.22
CA GLY A 25 -20.62 21.93 9.79
C GLY A 25 -20.36 20.78 8.83
N CYS A 26 -20.36 21.04 7.53
CA CYS A 26 -19.99 20.02 6.54
C CYS A 26 -18.48 19.79 6.53
N PRO A 27 -18.04 18.58 6.08
CA PRO A 27 -16.62 18.35 5.78
C PRO A 27 -16.20 19.13 4.53
N THR A 28 -15.04 19.80 4.62
CA THR A 28 -14.55 20.61 3.50
C THR A 28 -13.17 20.12 3.10
N LEU A 29 -12.54 20.79 2.13
CA LEU A 29 -11.17 20.48 1.73
C LEU A 29 -10.15 20.82 2.82
N GLU A 30 -10.59 21.65 3.78
CA GLU A 30 -9.80 22.00 4.95
C GLU A 30 -9.77 20.88 6.00
N THR A 31 -10.80 20.02 6.00
CA THR A 31 -10.89 18.88 6.93
C THR A 31 -9.82 17.85 6.56
N PRO A 32 -9.00 17.41 7.53
CA PRO A 32 -7.92 16.47 7.20
C PRO A 32 -8.39 15.10 6.70
N LEU A 33 -7.61 14.52 5.81
CA LEU A 33 -7.86 13.19 5.26
C LEU A 33 -6.72 12.26 5.69
N LYS A 34 -7.07 11.08 6.16
N LYS A 34 -7.08 11.07 6.14
CA LYS A 34 -6.10 10.14 6.67
CA LYS A 34 -6.12 10.12 6.69
C LYS A 34 -5.85 9.00 5.68
C LYS A 34 -5.87 8.98 5.70
N LEU A 35 -4.63 8.45 5.71
CA LEU A 35 -4.28 7.26 4.93
C LEU A 35 -3.88 6.20 5.94
N THR A 36 -4.44 5.01 5.84
CA THR A 36 -4.05 3.94 6.76
C THR A 36 -3.48 2.73 6.02
N PHE A 37 -2.52 2.06 6.66
CA PHE A 37 -1.86 0.89 6.08
C PHE A 37 -1.78 -0.18 7.14
N THR A 38 -2.42 -1.32 6.91
CA THR A 38 -2.55 -2.35 7.92
C THR A 38 -2.01 -3.71 7.50
N GLU A 39 -1.09 -4.23 8.29
CA GLU A 39 -0.58 -5.57 8.09
C GLU A 39 -1.51 -6.52 8.83
N ASP A 40 -2.07 -7.48 8.10
CA ASP A 40 -3.03 -8.44 8.65
C ASP A 40 -2.85 -9.85 8.05
N ILE A 41 -1.62 -10.21 7.74
CA ILE A 41 -1.37 -11.53 7.21
C ILE A 41 -1.27 -12.56 8.35
N GLN A 42 -2.27 -13.45 8.39
CA GLN A 42 -2.24 -14.62 9.25
C GLN A 42 -1.48 -15.73 8.51
N PRO A 43 -0.52 -16.38 9.18
CA PRO A 43 0.25 -17.46 8.55
C PRO A 43 -0.60 -18.67 8.15
N ARG A 44 -0.30 -19.27 7.01
CA ARG A 44 -1.06 -20.42 6.50
C ARG A 44 -0.30 -21.73 6.65
N LYS A 45 -0.92 -22.69 7.35
CA LYS A 45 -0.34 -24.02 7.55
C LYS A 45 -0.43 -24.81 6.24
N GLU A 46 0.68 -25.41 5.85
CA GLU A 46 0.73 -26.35 4.74
C GLU A 46 1.56 -27.58 5.14
N ASN A 47 1.03 -28.75 4.79
CA ASN A 47 1.70 -30.02 5.05
C ASN A 47 1.93 -30.79 3.75
N TYR A 51 5.05 -30.16 8.77
CA TYR A 51 4.68 -29.04 7.91
C TYR A 51 5.02 -27.67 8.50
N PHE A 52 5.03 -26.65 7.63
CA PHE A 52 5.36 -25.26 8.01
C PHE A 52 4.32 -24.20 7.64
N TYR A 53 4.51 -23.00 8.18
CA TYR A 53 3.57 -21.90 8.05
C TYR A 53 4.15 -20.80 7.17
N TYR A 54 3.43 -20.45 6.11
CA TYR A 54 3.86 -19.39 5.21
C TYR A 54 3.30 -18.06 5.67
N ASP A 55 4.12 -17.03 5.58
CA ASP A 55 3.72 -15.69 5.96
C ASP A 55 4.47 -14.68 5.12
N GLY A 56 3.77 -14.10 4.17
CA GLY A 56 4.36 -13.17 3.21
C GLY A 56 5.27 -12.11 3.80
N TRP A 57 5.09 -11.81 5.09
CA TRP A 57 5.79 -10.72 5.75
C TRP A 57 7.13 -11.13 6.34
N ARG A 58 7.25 -12.38 6.79
CA ARG A 58 8.45 -12.84 7.51
C ARG A 58 8.99 -14.20 7.02
N GLY A 59 8.38 -14.73 5.95
CA GLY A 59 8.87 -15.94 5.29
C GLY A 59 8.10 -17.22 5.60
N VAL A 60 8.82 -18.23 6.07
CA VAL A 60 8.27 -19.53 6.39
C VAL A 60 8.76 -19.94 7.77
N GLY A 61 7.86 -20.51 8.58
CA GLY A 61 8.21 -20.88 9.95
C GLY A 61 7.81 -22.29 10.32
N GLN A 62 8.55 -22.89 11.25
CA GLN A 62 8.29 -24.27 11.68
C GLN A 62 7.18 -24.38 12.73
N THR A 63 6.99 -23.32 13.53
CA THR A 63 5.93 -23.24 14.52
C THR A 63 5.33 -21.86 14.44
N VAL A 64 4.12 -21.69 14.96
CA VAL A 64 3.40 -20.43 14.78
C VAL A 64 3.28 -19.57 16.05
N ASN A 65 2.93 -20.20 17.18
CA ASN A 65 2.78 -19.47 18.43
C ASN A 65 3.70 -20.00 19.54
N PRO A 66 4.86 -19.35 19.73
CA PRO A 66 5.30 -18.16 18.97
C PRO A 66 5.97 -18.51 17.63
N TRP A 67 6.31 -17.48 16.85
CA TRP A 67 6.94 -17.66 15.54
C TRP A 67 8.36 -18.22 15.65
N SER A 68 8.66 -19.19 14.78
CA SER A 68 9.97 -19.83 14.73
C SER A 68 10.30 -20.22 13.28
N PRO A 69 11.22 -19.48 12.64
CA PRO A 69 11.53 -19.63 11.21
C PRO A 69 12.17 -20.96 10.86
N VAL A 70 12.05 -21.37 9.59
CA VAL A 70 12.78 -22.54 9.09
C VAL A 70 14.28 -22.23 9.04
N LEU A 71 15.08 -23.30 8.91
CA LEU A 71 16.54 -23.21 8.97
C LEU A 71 17.09 -22.02 8.16
N ASP A 72 16.84 -22.01 6.86
CA ASP A 72 17.51 -21.08 5.97
C ASP A 72 16.68 -19.84 5.63
N ASN A 73 15.67 -19.55 6.45
CA ASN A 73 14.69 -18.49 6.19
C ASN A 73 15.30 -17.10 6.05
N HIS A 74 16.26 -16.78 6.92
CA HIS A 74 16.93 -15.49 6.95
C HIS A 74 17.58 -15.12 5.61
N LYS A 75 17.95 -16.14 4.83
CA LYS A 75 18.52 -15.94 3.49
C LYS A 75 17.52 -15.33 2.52
N TYR A 76 16.23 -15.56 2.78
CA TYR A 76 15.17 -15.28 1.81
C TYR A 76 14.19 -14.21 2.26
N ALA A 77 13.81 -14.26 3.53
CA ALA A 77 12.69 -13.48 4.05
C ALA A 77 13.03 -12.04 4.34
N ALA A 78 12.01 -11.19 4.30
CA ALA A 78 12.12 -9.80 4.72
C ALA A 78 12.14 -9.71 6.26
N THR A 79 12.83 -8.69 6.78
CA THR A 79 12.77 -8.35 8.21
C THR A 79 12.42 -6.86 8.42
N GLU A 80 12.21 -6.13 7.31
CA GLU A 80 11.90 -4.71 7.35
C GLU A 80 11.00 -4.32 6.20
N HIS A 81 10.08 -3.41 6.47
CA HIS A 81 9.16 -2.93 5.46
C HIS A 81 9.01 -1.42 5.60
N GLU A 82 8.84 -0.72 4.47
CA GLU A 82 8.80 0.73 4.47
C GLU A 82 7.75 1.25 3.52
N ILE A 83 7.12 2.34 3.92
CA ILE A 83 6.15 3.03 3.09
C ILE A 83 6.72 4.40 2.76
N HIS A 84 6.88 4.68 1.47
CA HIS A 84 7.29 5.99 0.99
C HIS A 84 6.13 6.66 0.31
N ILE A 85 5.76 7.85 0.78
CA ILE A 85 4.63 8.56 0.20
C ILE A 85 5.11 9.85 -0.46
N TYR A 86 4.72 10.05 -1.71
CA TYR A 86 5.00 11.28 -2.44
C TYR A 86 3.70 11.96 -2.77
N VAL A 87 3.51 13.17 -2.25
CA VAL A 87 2.30 13.95 -2.53
C VAL A 87 2.62 15.13 -3.42
N GLU A 88 1.83 15.30 -4.48
CA GLU A 88 1.95 16.44 -5.36
C GLU A 88 0.67 17.26 -5.22
N PHE A 89 0.84 18.57 -5.06
CA PHE A 89 -0.28 19.51 -5.00
C PHE A 89 -0.35 20.35 -6.28
N PHE A 90 -1.51 20.99 -6.52
CA PHE A 90 -1.68 21.86 -7.67
C PHE A 90 -0.98 23.19 -7.49
N GLN A 91 -0.77 23.55 -6.22
CA GLN A 91 -0.22 24.86 -5.84
C GLN A 91 0.43 24.66 -4.48
N THR A 92 0.97 25.72 -3.90
CA THR A 92 1.52 25.60 -2.55
C THR A 92 0.42 25.13 -1.59
N PRO A 93 0.72 24.10 -0.76
CA PRO A 93 -0.18 23.61 0.28
C PRO A 93 -0.78 24.77 1.08
N SER A 94 -2.09 24.76 1.25
CA SER A 94 -2.82 25.95 1.66
C SER A 94 -2.97 26.15 3.16
N ASN A 95 -2.85 25.07 3.95
CA ASN A 95 -3.06 25.18 5.40
C ASN A 95 -2.02 26.06 6.08
N ARG A 96 -2.48 26.87 7.04
CA ARG A 96 -1.66 27.94 7.63
C ARG A 96 -1.20 27.70 9.08
N PHE A 97 -1.39 26.50 9.60
CA PHE A 97 -1.01 26.21 10.98
C PHE A 97 -0.67 24.74 11.18
N ALA A 98 0.07 24.45 12.24
CA ALA A 98 0.43 23.06 12.61
C ALA A 98 -0.01 22.74 14.04
N ASP A 99 -0.43 21.50 14.26
CA ASP A 99 -0.86 21.05 15.58
C ASP A 99 0.20 20.17 16.25
N LYS A 100 -0.09 19.72 17.47
CA LYS A 100 0.83 18.87 18.24
C LYS A 100 1.15 17.52 17.59
N ASN A 101 0.14 16.83 17.05
CA ASN A 101 0.32 15.43 16.63
C ASN A 101 0.34 15.18 15.11
N GLY A 102 0.19 16.24 14.33
CA GLY A 102 0.43 16.18 12.89
C GLY A 102 -0.76 16.08 11.97
N ALA A 103 -1.95 16.41 12.47
CA ALA A 103 -3.14 16.41 11.61
C ALA A 103 -3.17 17.62 10.67
N TYR A 104 -2.38 18.64 11.00
CA TYR A 104 -2.32 19.87 10.24
C TYR A 104 -0.88 20.27 10.04
N SER A 105 -0.58 20.76 8.83
CA SER A 105 0.75 21.25 8.49
C SER A 105 0.72 22.61 7.79
N TYR A 106 1.89 23.22 7.65
CA TYR A 106 2.05 24.42 6.84
C TYR A 106 3.44 24.46 6.22
N ILE A 107 3.60 25.28 5.18
CA ILE A 107 4.92 25.53 4.60
C ILE A 107 5.35 26.97 4.87
N ASP A 108 6.66 27.20 4.85
CA ASP A 108 7.22 28.56 4.99
C ASP A 108 7.53 29.18 3.62
N ALA A 109 8.16 30.36 3.64
CA ALA A 109 8.53 31.09 2.43
C ALA A 109 9.32 30.25 1.41
N ASN A 110 10.19 29.38 1.92
CA ASN A 110 11.08 28.55 1.09
C ASN A 110 10.51 27.21 0.66
N GLY A 111 9.32 26.88 1.18
CA GLY A 111 8.64 25.65 0.78
C GLY A 111 8.88 24.45 1.69
N VAL A 112 9.59 24.64 2.78
CA VAL A 112 9.79 23.60 3.80
C VAL A 112 8.48 23.39 4.56
N MET A 113 8.09 22.13 4.74
CA MET A 113 6.85 21.81 5.43
C MET A 113 7.10 21.50 6.90
N TYR A 114 6.24 22.05 7.76
CA TYR A 114 6.34 21.87 9.20
C TYR A 114 5.20 20.99 9.71
N THR A 115 5.59 19.87 10.32
CA THR A 115 4.65 18.92 10.87
C THR A 115 5.24 18.38 12.18
N ASN A 116 4.40 18.30 13.21
CA ASN A 116 4.82 17.75 14.51
C ASN A 116 4.29 16.33 14.71
N GLY A 117 4.85 15.62 15.67
CA GLY A 117 4.50 14.23 15.92
C GLY A 117 5.48 13.31 15.24
N GLU A 118 5.04 12.10 14.95
CA GLU A 118 5.92 11.03 14.45
C GLU A 118 6.52 11.24 13.05
N TYR A 119 5.85 12.02 12.20
CA TYR A 119 6.22 12.13 10.80
C TYR A 119 6.49 13.56 10.36
N SER A 120 7.49 13.72 9.50
CA SER A 120 7.72 14.99 8.84
C SER A 120 7.94 14.78 7.33
N TRP A 121 7.62 15.80 6.56
CA TRP A 121 7.66 15.71 5.13
C TRP A 121 8.92 16.37 4.61
N GLU A 122 9.53 15.74 3.62
CA GLU A 122 10.71 16.30 2.97
C GLU A 122 10.25 16.98 1.68
N HIS A 123 10.66 18.23 1.49
CA HIS A 123 10.37 18.96 0.26
C HIS A 123 11.30 18.42 -0.82
N VAL A 124 10.73 17.92 -1.91
CA VAL A 124 11.56 17.40 -3.00
C VAL A 124 11.41 18.19 -4.32
N PRO A 125 11.93 19.44 -4.37
CA PRO A 125 11.80 20.27 -5.58
C PRO A 125 12.42 19.69 -6.86
N ALA A 126 13.33 18.73 -6.72
CA ALA A 126 14.00 18.13 -7.88
C ALA A 126 12.99 17.36 -8.71
N LEU A 127 12.02 16.75 -8.04
CA LEU A 127 10.98 15.96 -8.70
C LEU A 127 9.88 16.84 -9.28
N GLY A 128 9.78 18.06 -8.78
CA GLY A 128 8.72 18.98 -9.18
C GLY A 128 8.34 19.98 -8.09
N LYS A 129 7.72 21.09 -8.50
CA LYS A 129 7.22 22.07 -7.57
C LYS A 129 6.02 21.49 -6.84
N ASN A 130 5.93 21.74 -5.54
CA ASN A 130 4.82 21.26 -4.68
C ASN A 130 4.77 19.74 -4.45
N ILE A 131 5.94 19.10 -4.45
CA ILE A 131 6.03 17.67 -4.16
C ILE A 131 6.73 17.43 -2.82
N TYR A 132 6.13 16.57 -1.99
CA TYR A 132 6.62 16.26 -0.64
C TYR A 132 6.70 14.75 -0.37
N LYS A 133 7.69 14.35 0.42
CA LYS A 133 7.97 12.95 0.65
C LYS A 133 8.07 12.62 2.14
N VAL A 134 7.42 11.53 2.54
CA VAL A 134 7.57 10.96 3.87
C VAL A 134 7.89 9.46 3.79
N VAL A 135 8.70 8.99 4.74
CA VAL A 135 9.06 7.59 4.85
C VAL A 135 8.60 7.07 6.20
N ILE A 136 7.69 6.10 6.16
CA ILE A 136 7.23 5.41 7.35
C ILE A 136 7.98 4.08 7.40
N SER A 137 8.71 3.84 8.49
CA SER A 137 9.45 2.59 8.64
C SER A 137 8.99 1.78 9.86
N ASP A 138 9.70 0.70 10.19
CA ASP A 138 9.33 -0.22 11.28
C ASP A 138 7.88 -0.70 11.19
N TRP A 139 7.52 -1.28 10.04
CA TRP A 139 6.15 -1.77 9.85
C TRP A 139 6.11 -3.27 10.14
N ASN A 140 5.68 -3.61 11.35
CA ASN A 140 5.73 -4.99 11.84
C ASN A 140 4.36 -5.64 11.93
N LYS A 141 4.36 -6.93 12.27
CA LYS A 141 3.15 -7.75 12.29
C LYS A 141 1.99 -7.11 13.03
N GLY A 142 0.83 -7.08 12.38
CA GLY A 142 -0.41 -6.63 13.02
C GLY A 142 -0.62 -5.14 13.11
N GLN A 143 0.38 -4.37 12.68
CA GLN A 143 0.36 -2.92 12.90
C GLN A 143 -0.40 -2.13 11.84
N THR A 144 -1.12 -1.12 12.31
CA THR A 144 -1.69 -0.11 11.44
C THR A 144 -0.82 1.14 11.51
N LYS A 145 -0.42 1.60 10.33
CA LYS A 145 0.31 2.83 10.13
C LYS A 145 -0.69 3.89 9.68
N SER A 146 -0.67 5.06 10.31
CA SER A 146 -1.63 6.12 9.98
C SER A 146 -0.91 7.43 9.78
N ILE A 147 -1.32 8.17 8.75
CA ILE A 147 -0.77 9.48 8.51
C ILE A 147 -1.81 10.40 7.86
N TYR A 148 -1.84 11.65 8.32
CA TYR A 148 -2.64 12.66 7.66
C TYR A 148 -1.89 13.22 6.46
N LEU A 149 -2.62 13.37 5.36
CA LEU A 149 -2.11 14.09 4.24
C LEU A 149 -2.06 15.58 4.60
N PRO A 150 -0.98 16.27 4.19
CA PRO A 150 -0.90 17.70 4.49
C PRO A 150 -1.93 18.57 3.75
N GLY A 151 -2.76 17.95 2.93
CA GLY A 151 -3.81 18.65 2.20
C GLY A 151 -4.69 17.66 1.46
N ARG A 152 -5.98 17.96 1.43
CA ARG A 152 -6.97 17.11 0.81
C ARG A 152 -7.10 17.52 -0.67
N ASP A 153 -6.62 18.71 -0.99
CA ASP A 153 -6.73 19.29 -2.33
C ASP A 153 -5.54 18.91 -3.21
N PHE A 154 -5.00 17.71 -3.01
CA PHE A 154 -3.82 17.23 -3.73
C PHE A 154 -4.13 16.94 -5.19
N LYS A 155 -3.07 16.79 -5.98
CA LYS A 155 -3.20 16.38 -7.36
C LYS A 155 -2.91 14.89 -7.45
N THR A 156 -1.84 14.48 -6.78
CA THR A 156 -1.35 13.11 -6.87
C THR A 156 -0.80 12.68 -5.52
N VAL A 157 -1.05 11.42 -5.18
CA VAL A 157 -0.37 10.78 -4.08
C VAL A 157 0.14 9.46 -4.60
N GLU A 158 1.44 9.21 -4.46
CA GLU A 158 2.02 7.94 -4.86
C GLU A 158 2.59 7.24 -3.65
N VAL A 159 2.32 5.95 -3.53
CA VAL A 159 2.83 5.20 -2.40
C VAL A 159 3.68 4.02 -2.89
N PHE A 160 4.88 3.91 -2.32
CA PHE A 160 5.75 2.78 -2.61
C PHE A 160 5.85 1.92 -1.38
N HIS A 161 5.63 0.62 -1.55
CA HIS A 161 5.76 -0.33 -0.46
C HIS A 161 6.96 -1.22 -0.71
N PHE A 162 7.94 -1.11 0.18
CA PHE A 162 9.22 -1.76 -0.01
C PHE A 162 9.45 -2.84 1.01
N GLN A 163 10.03 -3.94 0.57
CA GLN A 163 10.38 -4.99 1.49
C GLN A 163 11.88 -5.25 1.45
N ASN A 164 12.38 -5.77 2.57
CA ASN A 164 13.78 -6.01 2.86
C ASN A 164 14.35 -7.18 2.09
N ASN A 165 15.66 -7.37 2.18
CA ASN A 165 16.34 -8.58 1.72
C ASN A 165 16.07 -8.87 0.24
N ARG A 166 16.00 -7.80 -0.55
CA ARG A 166 15.83 -7.86 -1.98
C ARG A 166 16.80 -6.84 -2.60
N PRO A 167 17.28 -7.09 -3.84
CA PRO A 167 18.42 -6.28 -4.33
C PRO A 167 18.12 -4.81 -4.64
N GLN A 168 16.86 -4.48 -4.93
CA GLN A 168 16.46 -3.08 -5.19
C GLN A 168 16.26 -2.28 -3.89
N TRP A 169 16.37 -2.94 -2.74
CA TRP A 169 16.14 -2.28 -1.44
C TRP A 169 17.06 -1.07 -1.21
N ASP A 170 18.38 -1.24 -1.41
CA ASP A 170 19.33 -0.13 -1.22
C ASP A 170 18.98 1.08 -2.08
N ASP A 171 18.29 0.83 -3.19
CA ASP A 171 18.02 1.89 -4.16
C ASP A 171 16.59 2.45 -4.07
N ARG A 172 15.89 2.09 -2.99
CA ARG A 172 14.47 2.43 -2.84
C ARG A 172 14.17 3.94 -2.83
N ASN A 173 15.17 4.76 -2.54
CA ASN A 173 15.01 6.20 -2.54
C ASN A 173 15.03 6.85 -3.92
N SER A 174 15.46 6.10 -4.93
CA SER A 174 15.44 6.58 -6.30
C SER A 174 14.02 6.51 -6.85
N TYR A 175 13.30 7.64 -6.79
CA TYR A 175 11.94 7.71 -7.31
C TYR A 175 11.89 7.27 -8.78
N GLU A 176 12.85 7.75 -9.57
CA GLU A 176 12.89 7.47 -11.01
C GLU A 176 13.11 6.00 -11.34
N ASN A 177 14.01 5.34 -10.62
CA ASN A 177 14.26 3.91 -10.91
C ASN A 177 13.06 3.05 -10.54
N VAL A 178 12.40 3.41 -9.43
CA VAL A 178 11.22 2.70 -9.00
C VAL A 178 10.08 2.86 -10.02
N LYS A 179 9.87 4.10 -10.48
CA LYS A 179 8.87 4.37 -11.51
C LYS A 179 9.16 3.61 -12.79
N SER A 180 10.43 3.56 -13.18
CA SER A 180 10.83 2.81 -14.38
C SER A 180 10.44 1.33 -14.28
N ARG A 181 10.63 0.72 -13.11
CA ARG A 181 10.28 -0.69 -12.95
C ARG A 181 8.75 -0.87 -13.02
N ILE A 182 8.03 0.01 -12.33
CA ILE A 182 6.58 0.10 -12.42
C ILE A 182 6.07 0.21 -13.87
N ASN A 183 6.68 1.07 -14.68
CA ASN A 183 6.18 1.29 -16.04
C ASN A 183 6.63 0.22 -17.02
N ASN A 184 7.83 -0.33 -16.81
CA ASN A 184 8.49 -1.12 -17.84
C ASN A 184 8.71 -2.59 -17.47
N ASN A 185 8.61 -2.93 -16.19
CA ASN A 185 9.07 -4.24 -15.77
C ASN A 185 8.12 -5.08 -14.96
N ILE A 186 7.39 -4.45 -14.04
CA ILE A 186 6.51 -5.23 -13.19
C ILE A 186 5.31 -5.71 -14.00
N SER A 187 5.02 -7.00 -13.91
CA SER A 187 3.91 -7.61 -14.64
C SER A 187 2.55 -7.03 -14.24
N LYS A 188 1.73 -6.77 -15.24
CA LYS A 188 0.41 -6.23 -15.02
C LYS A 188 -0.59 -7.37 -14.85
N SER A 189 -0.14 -8.58 -15.17
CA SER A 189 -1.00 -9.75 -15.16
C SER A 189 -0.15 -11.02 -15.06
N TYR A 190 -0.66 -12.04 -14.37
CA TYR A 190 -0.04 -13.37 -14.37
C TYR A 190 -1.02 -14.40 -14.90
N SER A 191 -0.54 -15.26 -15.79
CA SER A 191 -1.36 -16.36 -16.27
C SER A 191 -1.50 -17.43 -15.19
N LYS A 192 -2.56 -18.23 -15.32
CA LYS A 192 -2.81 -19.38 -14.47
C LYS A 192 -1.70 -20.41 -14.65
N ALA A 193 -1.28 -20.64 -15.90
CA ALA A 193 -0.14 -21.53 -16.18
C ALA A 193 1.09 -21.09 -15.40
N LYS A 194 1.33 -19.78 -15.34
CA LYS A 194 2.45 -19.25 -14.57
C LYS A 194 2.30 -19.48 -13.07
N LEU A 195 1.12 -19.20 -12.53
CA LEU A 195 0.87 -19.40 -11.10
C LEU A 195 1.01 -20.87 -10.70
N ASN A 196 0.91 -21.76 -11.68
CA ASN A 196 0.98 -23.20 -11.45
C ASN A 196 2.35 -23.81 -11.77
N GLU A 197 3.31 -22.98 -12.15
CA GLU A 197 4.69 -23.43 -12.34
C GLU A 197 5.41 -23.60 -11.03
N GLN A 198 6.27 -24.60 -10.97
CA GLN A 198 7.21 -24.79 -9.88
C GLN A 198 8.58 -24.34 -10.38
N LEU A 199 9.10 -23.24 -9.83
CA LEU A 199 10.50 -22.87 -10.03
C LEU A 199 11.36 -23.95 -9.35
N SER A 200 12.34 -24.49 -10.09
CA SER A 200 13.20 -25.54 -9.56
C SER A 200 14.11 -25.02 -8.47
N THR A 201 14.43 -25.89 -7.51
CA THR A 201 15.23 -25.52 -6.33
C THR A 201 16.56 -24.94 -6.72
N TYR A 202 17.07 -25.39 -7.86
CA TYR A 202 18.42 -25.05 -8.30
C TYR A 202 18.59 -23.59 -8.71
N VAL A 203 17.50 -22.91 -9.04
CA VAL A 203 17.54 -21.48 -9.26
C VAL A 203 17.70 -20.84 -7.89
N HIS A 204 18.63 -19.90 -7.77
CA HIS A 204 19.00 -19.33 -6.46
C HIS A 204 18.10 -18.19 -6.01
N ASP A 205 17.67 -17.36 -6.97
CA ASP A 205 16.81 -16.22 -6.68
C ASP A 205 15.53 -16.30 -7.50
N ASP A 206 14.43 -15.78 -6.98
CA ASP A 206 13.14 -15.89 -7.67
C ASP A 206 12.78 -14.66 -8.46
N GLY A 207 13.53 -13.58 -8.23
CA GLY A 207 13.45 -12.38 -9.02
C GLY A 207 12.48 -11.33 -8.52
N THR A 208 11.95 -11.52 -7.31
CA THR A 208 10.92 -10.61 -6.83
C THR A 208 11.51 -9.27 -6.40
N ASP A 209 10.83 -8.21 -6.80
CA ASP A 209 11.22 -6.83 -6.55
C ASP A 209 11.09 -6.51 -5.06
N SER A 210 11.93 -5.61 -4.57
CA SER A 210 11.75 -5.00 -3.27
C SER A 210 10.39 -4.30 -3.19
N LEU A 211 9.99 -3.66 -4.30
CA LEU A 211 8.69 -2.99 -4.41
C LEU A 211 7.61 -4.04 -4.53
N PHE A 212 6.75 -4.14 -3.53
CA PHE A 212 5.66 -5.13 -3.58
C PHE A 212 4.28 -4.53 -3.83
N LEU A 213 4.16 -3.22 -3.67
CA LEU A 213 2.91 -2.53 -3.92
C LEU A 213 3.14 -1.08 -4.26
N TYR A 214 2.39 -0.60 -5.26
CA TYR A 214 2.37 0.78 -5.69
C TYR A 214 0.92 1.23 -5.70
N GLN A 215 0.65 2.35 -5.03
CA GLN A 215 -0.66 2.98 -5.02
C GLN A 215 -0.54 4.37 -5.63
N LYS A 216 -1.54 4.75 -6.41
CA LYS A 216 -1.60 6.10 -6.94
C LYS A 216 -2.98 6.66 -6.70
N LEU A 217 -3.07 7.74 -5.96
CA LEU A 217 -4.33 8.45 -5.86
C LEU A 217 -4.20 9.67 -6.75
N SER A 218 -5.26 9.98 -7.49
CA SER A 218 -5.23 11.18 -8.29
C SER A 218 -6.57 11.92 -8.30
N ARG A 219 -6.47 13.24 -8.47
CA ARG A 219 -7.61 14.13 -8.60
C ARG A 219 -7.33 15.02 -9.82
N ALA A 220 -8.28 15.10 -10.74
CA ALA A 220 -8.05 15.83 -12.00
C ALA A 220 -8.04 17.36 -11.86
N SER A 221 -8.44 17.85 -10.69
CA SER A 221 -8.73 19.27 -10.50
C SER A 221 -8.65 19.67 -9.02
N LEU A 222 -8.29 20.92 -8.77
CA LEU A 222 -8.14 21.43 -7.42
C LEU A 222 -9.39 21.19 -6.54
N LYS A 223 -10.56 21.60 -7.02
CA LYS A 223 -11.81 21.49 -6.26
C LYS A 223 -12.62 20.27 -6.67
N GLU A 224 -11.93 19.18 -6.98
CA GLU A 224 -12.55 17.99 -7.54
C GLU A 224 -13.16 17.10 -6.46
N SER A 225 -14.38 16.62 -6.71
CA SER A 225 -15.19 15.98 -5.68
C SER A 225 -15.00 14.46 -5.52
N GLN A 226 -14.09 13.88 -6.29
CA GLN A 226 -13.82 12.45 -6.20
C GLN A 226 -12.32 12.17 -6.11
N ILE A 227 -11.96 10.95 -5.73
CA ILE A 227 -10.57 10.51 -5.77
C ILE A 227 -10.46 9.24 -6.63
N ASN A 228 -9.66 9.30 -7.69
CA ASN A 228 -9.35 8.11 -8.48
C ASN A 228 -8.21 7.36 -7.81
N TYR A 229 -8.22 6.04 -7.91
CA TYR A 229 -7.09 5.27 -7.41
C TYR A 229 -6.66 4.19 -8.39
N TYR A 230 -5.38 3.84 -8.31
CA TYR A 230 -4.79 2.77 -9.07
C TYR A 230 -3.85 2.03 -8.10
N GLN A 231 -3.70 0.72 -8.30
CA GLN A 231 -2.66 -0.06 -7.60
C GLN A 231 -1.96 -1.01 -8.55
N LEU A 232 -0.65 -1.18 -8.36
CA LEU A 232 0.10 -2.25 -9.03
C LEU A 232 0.60 -3.17 -7.94
N ARG A 233 0.01 -4.35 -7.86
CA ARG A 233 0.40 -5.33 -6.86
C ARG A 233 1.58 -6.15 -7.37
N GLY A 234 2.49 -6.51 -6.46
CA GLY A 234 3.63 -7.35 -6.79
C GLY A 234 3.67 -8.64 -5.97
N LYS A 235 4.87 -8.99 -5.50
CA LYS A 235 5.09 -10.24 -4.78
C LYS A 235 5.81 -10.02 -3.45
N PHE A 236 5.58 -10.90 -2.49
CA PHE A 236 6.38 -10.91 -1.28
C PHE A 236 7.59 -11.82 -1.51
N ASN A 237 8.67 -11.63 -0.72
CA ASN A 237 9.85 -12.49 -0.81
C ASN A 237 9.52 -13.98 -0.94
N GLY A 238 10.08 -14.61 -1.96
CA GLY A 238 10.01 -16.05 -2.10
C GLY A 238 10.99 -16.71 -1.15
N VAL A 239 10.65 -17.93 -0.73
CA VAL A 239 11.54 -18.72 0.13
C VAL A 239 11.76 -20.07 -0.56
N ASN A 240 13.03 -20.46 -0.64
CA ASN A 240 13.42 -21.74 -1.24
C ASN A 240 13.78 -22.74 -0.14
N LEU A 241 12.83 -23.59 0.22
CA LEU A 241 13.06 -24.58 1.27
C LEU A 241 13.74 -25.82 0.66
N GLY A 242 12.94 -26.76 0.18
CA GLY A 242 13.41 -27.81 -0.70
C GLY A 242 12.77 -27.68 -2.07
N TYR A 243 12.04 -26.59 -2.26
CA TYR A 243 11.33 -26.27 -3.49
C TYR A 243 11.22 -24.75 -3.49
N TRP A 244 10.26 -24.16 -4.17
CA TRP A 244 10.14 -22.70 -4.16
C TRP A 244 8.73 -22.28 -3.81
N ALA A 245 8.61 -21.51 -2.73
CA ALA A 245 7.35 -20.88 -2.38
C ALA A 245 7.41 -19.49 -2.97
N GLN A 246 6.42 -19.15 -3.80
CA GLN A 246 6.35 -17.80 -4.32
C GLN A 246 5.07 -17.13 -3.84
N GLU A 247 5.12 -15.83 -3.61
CA GLU A 247 4.08 -15.12 -2.88
C GLU A 247 3.50 -13.97 -3.67
N TYR A 248 2.34 -14.19 -4.29
CA TYR A 248 1.73 -13.18 -5.17
C TYR A 248 0.66 -12.43 -4.42
N ILE A 249 0.66 -11.10 -4.55
CA ILE A 249 -0.47 -10.33 -4.07
C ILE A 249 -1.49 -10.30 -5.22
N LEU A 250 -2.36 -11.30 -5.25
CA LEU A 250 -3.22 -11.59 -6.42
C LEU A 250 -4.52 -10.78 -6.59
N PHE A 251 -5.00 -10.18 -5.52
CA PHE A 251 -6.24 -9.40 -5.56
C PHE A 251 -6.08 -8.14 -4.72
N GLY A 252 -6.93 -7.16 -5.01
CA GLY A 252 -6.85 -5.86 -4.34
C GLY A 252 -7.96 -4.92 -4.78
N GLY A 253 -7.94 -3.70 -4.27
CA GLY A 253 -8.99 -2.73 -4.57
C GLY A 253 -10.15 -2.85 -3.59
N GLU A 254 -11.21 -2.09 -3.86
CA GLU A 254 -12.31 -2.02 -2.92
C GLU A 254 -13.13 -3.30 -2.82
N GLY A 255 -13.49 -3.67 -1.60
CA GLY A 255 -14.26 -4.87 -1.35
C GLY A 255 -13.51 -6.17 -1.61
N ALA A 256 -12.20 -6.10 -1.80
CA ALA A 256 -11.42 -7.29 -2.13
C ALA A 256 -11.32 -8.22 -0.94
N GLU A 257 -11.43 -7.68 0.27
CA GLU A 257 -11.46 -8.46 1.49
C GLU A 257 -12.58 -9.50 1.51
N GLN A 258 -13.66 -9.24 0.76
CA GLN A 258 -14.81 -10.14 0.70
C GLN A 258 -14.47 -11.42 -0.07
N LEU A 259 -13.32 -11.41 -0.75
CA LEU A 259 -12.83 -12.56 -1.49
C LEU A 259 -11.86 -13.43 -0.69
N LYS A 260 -11.74 -13.19 0.62
CA LYS A 260 -10.83 -13.98 1.43
C LYS A 260 -11.26 -15.46 1.48
N ASN A 261 -10.28 -16.36 1.36
CA ASN A 261 -10.53 -17.81 1.28
C ASN A 261 -11.23 -18.23 -0.02
N LYS A 262 -11.06 -17.40 -1.04
CA LYS A 262 -11.53 -17.68 -2.40
C LYS A 262 -10.44 -17.35 -3.43
N ILE A 263 -10.22 -18.27 -4.36
CA ILE A 263 -9.45 -17.98 -5.55
C ILE A 263 -10.35 -18.41 -6.69
N PRO A 264 -10.97 -17.43 -7.38
CA PRO A 264 -11.78 -17.79 -8.54
C PRO A 264 -10.91 -18.39 -9.62
N ASP A 265 -11.40 -19.44 -10.28
CA ASP A 265 -10.65 -20.13 -11.31
C ASP A 265 -10.86 -19.44 -12.66
N MET A 266 -9.84 -18.68 -13.08
CA MET A 266 -9.83 -18.07 -14.41
C MET A 266 -8.45 -18.20 -15.05
N SER A 267 -8.33 -17.79 -16.31
CA SER A 267 -7.10 -18.06 -17.02
C SER A 267 -6.01 -16.99 -16.82
N ASN A 268 -6.40 -15.78 -16.42
CA ASN A 268 -5.42 -14.75 -16.07
C ASN A 268 -5.83 -13.98 -14.84
N TYR A 269 -4.83 -13.52 -14.09
CA TYR A 269 -5.04 -12.81 -12.86
C TYR A 269 -4.38 -11.44 -12.95
N SER A 270 -5.24 -10.42 -12.98
CA SER A 270 -4.79 -9.04 -13.09
C SER A 270 -4.04 -8.62 -11.83
N MET A 271 -2.92 -7.92 -12.00
CA MET A 271 -2.17 -7.35 -10.87
C MET A 271 -2.47 -5.85 -10.68
N GLU A 272 -3.47 -5.34 -11.39
CA GLU A 272 -3.83 -3.93 -11.31
C GLU A 272 -5.21 -3.70 -10.71
N ASP A 273 -5.34 -2.65 -9.91
CA ASP A 273 -6.63 -2.21 -9.41
C ASP A 273 -6.95 -0.80 -9.85
N ASN A 274 -8.22 -0.56 -10.16
CA ASN A 274 -8.67 0.72 -10.67
C ASN A 274 -10.01 1.04 -10.07
N GLY A 275 -10.19 2.29 -9.66
CA GLY A 275 -11.50 2.69 -9.25
C GLY A 275 -11.60 4.13 -8.89
N SER A 276 -12.78 4.50 -8.43
CA SER A 276 -13.08 5.87 -8.11
C SER A 276 -13.95 5.95 -6.85
N PHE A 277 -13.53 6.80 -5.92
CA PHE A 277 -14.35 7.15 -4.78
C PHE A 277 -15.08 8.47 -5.06
N LYS A 278 -16.38 8.39 -5.33
CA LYS A 278 -17.22 9.58 -5.43
C LYS A 278 -17.42 10.18 -4.03
N ASN A 279 -17.82 11.46 -3.99
CA ASN A 279 -18.09 12.14 -2.73
C ASN A 279 -16.94 12.06 -1.73
N ALA A 280 -15.74 12.42 -2.18
CA ALA A 280 -14.53 12.24 -1.37
C ALA A 280 -14.51 12.99 -0.03
N LEU A 281 -15.24 14.10 0.04
CA LEU A 281 -15.31 14.90 1.26
C LEU A 281 -15.92 14.12 2.43
N LYS A 282 -16.72 13.12 2.10
CA LYS A 282 -17.34 12.22 3.07
C LYS A 282 -16.31 11.21 3.64
N ILE A 283 -15.15 11.10 3.00
CA ILE A 283 -14.14 10.14 3.44
C ILE A 283 -13.25 10.65 4.58
N GLU A 284 -13.27 9.93 5.70
CA GLU A 284 -12.31 10.14 6.78
C GLU A 284 -10.96 9.52 6.42
N SER A 285 -10.97 8.26 5.97
CA SER A 285 -9.71 7.63 5.63
C SER A 285 -9.76 6.62 4.47
N LEU A 286 -8.64 6.55 3.76
CA LEU A 286 -8.42 5.58 2.68
C LEU A 286 -7.56 4.47 3.26
N ASP A 287 -8.09 3.24 3.26
CA ASP A 287 -7.48 2.16 4.03
C ASP A 287 -6.95 1.01 3.17
N LEU A 288 -5.64 0.79 3.26
CA LEU A 288 -5.01 -0.39 2.68
C LEU A 288 -4.87 -1.48 3.74
N ARG A 289 -5.33 -2.69 3.44
N ARG A 289 -5.31 -2.69 3.41
CA ARG A 289 -5.13 -3.83 4.32
CA ARG A 289 -5.16 -3.85 4.29
C ARG A 289 -4.47 -4.98 3.56
C ARG A 289 -4.45 -4.96 3.53
N LEU A 290 -3.38 -5.51 4.10
CA LEU A 290 -2.67 -6.64 3.47
C LEU A 290 -3.05 -7.91 4.19
N MET A 291 -3.65 -8.86 3.47
CA MET A 291 -4.08 -10.10 4.14
C MET A 291 -3.77 -11.38 3.36
N ASP A 292 -3.71 -12.47 4.10
CA ASP A 292 -3.47 -13.77 3.52
C ASP A 292 -4.74 -14.28 2.85
N ASN A 293 -4.54 -15.17 1.88
CA ASN A 293 -5.63 -15.84 1.18
C ASN A 293 -5.19 -17.29 0.97
N ASN A 294 -6.02 -18.12 0.35
CA ASN A 294 -5.65 -19.51 0.06
C ASN A 294 -4.34 -19.61 -0.71
N ARG A 295 -3.63 -20.73 -0.54
CA ARG A 295 -2.45 -21.04 -1.32
C ARG A 295 -2.86 -21.84 -2.55
N MET A 296 -2.10 -21.68 -3.62
CA MET A 296 -2.35 -22.39 -4.88
C MET A 296 -1.26 -23.39 -5.13
N ALA A 297 -1.38 -24.09 -6.26
CA ALA A 297 -0.33 -24.96 -6.77
C ALA A 297 0.23 -25.83 -5.65
N TYR A 298 -0.68 -26.42 -4.88
CA TYR A 298 -0.35 -27.32 -3.77
C TYR A 298 0.53 -26.73 -2.67
N GLY A 299 0.39 -25.44 -2.42
CA GLY A 299 1.18 -24.76 -1.40
C GLY A 299 2.41 -24.05 -1.93
N SER A 300 2.77 -24.30 -3.19
CA SER A 300 3.94 -23.67 -3.82
C SER A 300 3.79 -22.19 -4.09
N THR A 301 2.57 -21.73 -4.32
CA THR A 301 2.37 -20.33 -4.59
C THR A 301 1.29 -19.76 -3.68
N GLY A 302 1.64 -18.72 -2.95
CA GLY A 302 0.73 -18.11 -2.00
C GLY A 302 -0.01 -16.97 -2.65
N THR A 303 -1.23 -16.71 -2.19
CA THR A 303 -1.97 -15.55 -2.64
C THR A 303 -2.35 -14.64 -1.47
N TYR A 304 -2.45 -13.35 -1.78
CA TYR A 304 -2.63 -12.34 -0.79
C TYR A 304 -3.53 -11.28 -1.35
N ILE A 305 -4.19 -10.53 -0.47
CA ILE A 305 -5.09 -9.47 -0.88
C ILE A 305 -4.60 -8.14 -0.37
N ALA A 306 -4.56 -7.15 -1.27
CA ALA A 306 -4.27 -5.77 -0.92
C ALA A 306 -5.56 -4.98 -1.11
N SER A 307 -6.45 -5.05 -0.13
CA SER A 307 -7.72 -4.35 -0.26
C SER A 307 -7.50 -2.87 -0.01
N PHE A 308 -8.28 -2.05 -0.71
CA PHE A 308 -8.17 -0.61 -0.56
C PHE A 308 -9.59 -0.06 -0.46
N ASN A 309 -9.94 0.43 0.73
CA ASN A 309 -11.31 0.82 1.03
C ASN A 309 -11.40 2.20 1.66
N ARG A 310 -12.61 2.74 1.66
CA ARG A 310 -12.89 4.00 2.32
C ARG A 310 -13.59 3.75 3.63
N THR A 311 -13.17 4.47 4.68
CA THR A 311 -14.05 4.65 5.80
C THR A 311 -14.50 6.11 5.84
N ASP A 312 -15.82 6.27 5.82
CA ASP A 312 -16.48 7.57 5.83
C ASP A 312 -16.69 8.11 7.25
N PHE A 313 -16.74 9.44 7.35
CA PHE A 313 -17.33 10.06 8.52
C PHE A 313 -18.75 9.54 8.63
N SER A 314 -19.23 9.34 9.84
CA SER A 314 -20.62 8.98 10.03
C SER A 314 -21.47 10.22 9.81
N MET A 315 -22.53 10.06 9.04
CA MET A 315 -23.46 11.14 8.73
C MET A 315 -24.86 10.60 8.54
N THR A 316 -25.85 11.35 9.02
CA THR A 316 -27.24 10.99 8.82
C THR A 316 -27.64 11.24 7.37
N PRO A 317 -28.66 10.51 6.86
CA PRO A 317 -29.18 10.82 5.53
C PRO A 317 -29.44 12.32 5.32
N GLU A 318 -30.06 12.97 6.31
CA GLU A 318 -30.37 14.41 6.19
C GLU A 318 -29.17 15.35 6.19
N ASN A 319 -28.04 14.92 6.74
CA ASN A 319 -26.83 15.75 6.70
C ASN A 319 -26.04 15.50 5.42
N LEU A 320 -26.08 14.26 4.95
CA LEU A 320 -25.53 13.91 3.65
C LEU A 320 -26.19 14.75 2.57
N LYS A 321 -27.52 14.79 2.57
CA LYS A 321 -28.27 15.56 1.59
C LYS A 321 -27.93 17.04 1.67
N ALA A 322 -27.96 17.60 2.88
CA ALA A 322 -27.66 19.02 3.07
C ALA A 322 -26.25 19.42 2.60
N CYS A 323 -25.27 18.52 2.78
CA CYS A 323 -23.89 18.80 2.39
C CYS A 323 -23.60 18.34 0.95
N GLY A 324 -24.66 17.95 0.23
CA GLY A 324 -24.53 17.43 -1.14
C GLY A 324 -23.61 16.23 -1.29
N LEU A 325 -23.70 15.26 -0.37
CA LEU A 325 -22.82 14.08 -0.37
C LEU A 325 -23.55 12.74 -0.50
N ASP A 326 -24.88 12.80 -0.70
CA ASP A 326 -25.70 11.60 -0.88
C ASP A 326 -25.46 10.95 -2.25
I IOD B . 13.29 -1.22 -15.80
I IOD C . 7.85 -8.33 11.63
I IOD D . 18.67 -5.85 2.40
I IOD E . -2.55 -24.56 -15.59
I IOD F . 15.19 17.29 -3.76
I IOD G . -20.83 7.46 -2.38
I IOD H . 2.56 -16.18 14.99
I IOD I . -4.93 7.27 -10.38
C1 GOL J . 2.22 -9.58 -19.97
O1 GOL J . 1.46 -10.07 -21.05
C2 GOL J . 1.45 -8.45 -19.30
O2 GOL J . 0.29 -9.06 -18.89
C3 GOL J . 2.27 -8.07 -18.08
O3 GOL J . 3.25 -7.09 -18.41
C1 GOL K . 24.90 -15.74 3.17
O1 GOL K . 26.09 -15.57 3.93
C2 GOL K . 24.03 -16.85 3.74
O2 GOL K . 23.26 -17.32 2.68
C3 GOL K . 24.87 -17.98 4.31
O3 GOL K . 24.14 -19.19 4.24
C1 GOL L . -16.59 -17.46 -7.02
O1 GOL L . -16.06 -17.25 -8.31
C2 GOL L . -15.51 -17.39 -5.96
O2 GOL L . -14.94 -16.13 -6.03
C3 GOL L . -14.42 -18.40 -6.26
O3 GOL L . -14.75 -19.64 -5.67
C1 GOL M . -8.48 17.67 13.99
O1 GOL M . -9.16 17.93 12.79
C2 GOL M . -7.78 16.31 13.97
O2 GOL M . -8.63 15.36 13.36
C3 GOL M . -7.48 15.89 15.40
O3 GOL M . -6.22 15.22 15.50
#